data_4IGJ
#
_entry.id   4IGJ
#
_cell.length_a   63.709
_cell.length_b   80.817
_cell.length_c   88.050
_cell.angle_alpha   90.00
_cell.angle_beta   90.00
_cell.angle_gamma   90.00
#
_symmetry.space_group_name_H-M   'P 21 21 21'
#
loop_
_entity.id
_entity.type
_entity.pdbx_description
1 polymer 'Maleylacetoacetate isomerase'
2 non-polymer 'SULFATE ION'
3 water water
#
_entity_poly.entity_id   1
_entity_poly.type   'polypeptide(L)'
_entity_poly.pdbx_seq_one_letter_code
;MHHHHHHSSGVDLGTENLYFQSMTLRLYSYWRSSSAWRVRLGLALKGLAYEYRAVDLLAQEQFQAAHQARNPMSQVPVLE
VEEDGRTHLLVQSMAILEWLEERHPEPALLPPDLWGRARVRALAEHVNSGTQPMQNALVLRMLREKVPGWDREWARFFIA
RGLAALETAVRDGAGRFSHGDAPTLADCYLVPQLYNARRFGLDLEPYPTLRRVDEACAALAPFQAAHPDRQPDAPPPDRR
TP
;
_entity_poly.pdbx_strand_id   A,B
#
loop_
_chem_comp.id
_chem_comp.type
_chem_comp.name
_chem_comp.formula
SO4 non-polymer 'SULFATE ION' 'O4 S -2'
#
# COMPACT_ATOMS: atom_id res chain seq x y z
N LEU A 18 14.12 -24.28 1.36
CA LEU A 18 15.04 -23.66 2.32
C LEU A 18 15.25 -22.19 1.96
N TYR A 19 14.38 -21.35 2.48
CA TYR A 19 14.36 -19.95 2.05
C TYR A 19 15.39 -19.05 2.73
N PHE A 20 16.29 -19.64 3.50
CA PHE A 20 17.41 -18.87 4.04
C PHE A 20 18.77 -19.32 3.50
N GLN A 21 18.76 -20.04 2.39
CA GLN A 21 20.00 -20.41 1.72
C GLN A 21 20.59 -19.16 1.08
N SER A 22 21.87 -19.22 0.72
N SER A 22 21.87 -19.24 0.71
CA SER A 22 22.51 -18.09 0.04
CA SER A 22 22.55 -18.15 0.01
C SER A 22 21.81 -17.80 -1.28
C SER A 22 21.82 -17.84 -1.29
N MET A 23 21.77 -16.52 -1.65
N MET A 23 21.80 -16.56 -1.67
CA MET A 23 21.08 -16.09 -2.87
CA MET A 23 21.07 -16.11 -2.86
C MET A 23 21.82 -14.96 -3.56
C MET A 23 21.79 -14.95 -3.55
N THR A 24 21.51 -14.76 -4.84
CA THR A 24 21.97 -13.57 -5.56
C THR A 24 20.76 -12.71 -5.93
N LEU A 25 20.97 -11.40 -6.06
CA LEU A 25 19.88 -10.45 -6.27
C LEU A 25 20.05 -9.60 -7.52
N ARG A 26 18.97 -9.39 -8.25
CA ARG A 26 18.97 -8.51 -9.40
C ARG A 26 17.72 -7.63 -9.39
N LEU A 27 17.92 -6.33 -9.38
CA LEU A 27 16.79 -5.40 -9.31
C LEU A 27 16.48 -4.78 -10.64
N TYR A 28 15.26 -4.99 -11.12
CA TYR A 28 14.75 -4.28 -12.30
C TYR A 28 14.28 -2.91 -11.86
N SER A 29 14.98 -1.87 -12.31
CA SER A 29 14.82 -0.53 -11.79
C SER A 29 14.87 0.49 -12.92
N TYR A 30 14.15 1.59 -12.73
CA TYR A 30 14.27 2.78 -13.56
C TYR A 30 14.80 3.87 -12.63
N TRP A 31 15.74 4.70 -13.11
CA TRP A 31 16.44 5.62 -12.23
C TRP A 31 15.47 6.51 -11.45
N ARG A 32 14.39 6.92 -12.09
CA ARG A 32 13.50 7.90 -11.47
C ARG A 32 12.24 7.30 -10.83
N SER A 33 12.09 5.99 -10.89
CA SER A 33 10.92 5.33 -10.31
C SER A 33 10.92 5.40 -8.78
N SER A 34 9.90 6.03 -8.20
N SER A 34 9.90 6.04 -8.22
CA SER A 34 9.89 6.14 -6.74
CA SER A 34 9.79 6.17 -6.78
C SER A 34 9.69 4.77 -6.10
C SER A 34 9.68 4.79 -6.12
N SER A 35 8.90 3.92 -6.73
CA SER A 35 8.70 2.58 -6.20
C SER A 35 10.01 1.78 -6.18
N ALA A 36 10.79 1.90 -7.25
CA ALA A 36 12.08 1.21 -7.31
C ALA A 36 13.05 1.80 -6.31
N TRP A 37 13.00 3.12 -6.14
CA TRP A 37 13.87 3.79 -5.19
C TRP A 37 13.66 3.25 -3.77
N ARG A 38 12.41 2.99 -3.38
CA ARG A 38 12.12 2.42 -2.06
C ARG A 38 12.89 1.13 -1.87
N VAL A 39 12.89 0.28 -2.90
CA VAL A 39 13.58 -0.99 -2.83
C VAL A 39 15.11 -0.80 -2.80
N ARG A 40 15.61 0.13 -3.60
CA ARG A 40 17.03 0.45 -3.57
C ARG A 40 17.46 0.89 -2.16
N LEU A 41 16.60 1.63 -1.48
CA LEU A 41 16.89 2.04 -0.11
C LEU A 41 16.91 0.86 0.84
N GLY A 42 15.95 -0.06 0.72
CA GLY A 42 15.96 -1.23 1.57
C GLY A 42 17.22 -2.04 1.38
N LEU A 43 17.62 -2.23 0.12
CA LEU A 43 18.84 -2.98 -0.19
C LEU A 43 20.08 -2.31 0.38
N ALA A 44 20.18 -0.99 0.19
CA ALA A 44 21.34 -0.23 0.63
C ALA A 44 21.44 -0.21 2.15
N LEU A 45 20.31 -0.03 2.84
CA LEU A 45 20.29 0.01 4.30
C LEU A 45 20.66 -1.33 4.91
N LYS A 46 20.39 -2.42 4.18
CA LYS A 46 20.73 -3.75 4.66
C LYS A 46 22.10 -4.23 4.18
N GLY A 47 22.77 -3.38 3.41
CA GLY A 47 24.12 -3.69 2.95
C GLY A 47 24.17 -4.82 1.94
N LEU A 48 23.11 -4.96 1.16
CA LEU A 48 22.98 -6.06 0.23
C LEU A 48 23.40 -5.68 -1.18
N ALA A 49 24.35 -6.40 -1.74
CA ALA A 49 24.77 -6.14 -3.10
C ALA A 49 23.73 -6.69 -4.06
N TYR A 50 23.59 -6.03 -5.20
CA TYR A 50 22.65 -6.49 -6.21
C TYR A 50 23.05 -6.00 -7.60
N GLU A 51 22.64 -6.75 -8.62
CA GLU A 51 22.82 -6.31 -10.01
C GLU A 51 21.71 -5.36 -10.41
N TYR A 52 22.07 -4.29 -11.10
CA TYR A 52 21.09 -3.32 -11.56
C TYR A 52 20.70 -3.66 -12.99
N ARG A 53 19.42 -3.94 -13.22
CA ARG A 53 18.92 -4.14 -14.57
C ARG A 53 17.99 -2.98 -14.90
N ALA A 54 18.46 -2.11 -15.78
CA ALA A 54 17.70 -0.92 -16.14
C ALA A 54 16.49 -1.25 -16.99
N VAL A 55 15.37 -0.64 -16.65
CA VAL A 55 14.16 -0.72 -17.45
C VAL A 55 13.80 0.68 -17.84
N ASP A 56 13.94 1.00 -19.13
CA ASP A 56 13.69 2.36 -19.60
C ASP A 56 12.20 2.59 -19.74
N LEU A 57 11.58 3.09 -18.67
CA LEU A 57 10.15 3.32 -18.66
C LEU A 57 9.72 4.39 -19.65
N LEU A 58 10.61 5.34 -19.92
CA LEU A 58 10.28 6.42 -20.85
C LEU A 58 10.29 5.95 -22.30
N ALA A 59 11.33 5.20 -22.69
CA ALA A 59 11.43 4.67 -24.05
C ALA A 59 10.26 3.73 -24.31
N GLN A 60 9.91 2.99 -23.26
CA GLN A 60 8.85 2.00 -23.29
C GLN A 60 7.52 2.66 -22.94
N GLU A 61 7.46 3.97 -23.16
CA GLU A 61 6.22 4.72 -23.01
C GLU A 61 6.01 5.55 -24.27
N GLN A 62 7.03 6.34 -24.62
CA GLN A 62 7.02 7.19 -25.82
C GLN A 62 6.65 6.41 -27.08
N PHE A 63 7.01 5.14 -27.12
CA PHE A 63 6.67 4.27 -28.24
C PHE A 63 5.17 4.03 -28.31
N GLN A 75 7.59 -4.25 -15.83
CA GLN A 75 7.18 -4.01 -14.44
C GLN A 75 8.36 -3.55 -13.58
N VAL A 76 8.16 -2.46 -12.84
CA VAL A 76 9.21 -1.88 -12.01
C VAL A 76 8.65 -1.41 -10.67
N PRO A 77 9.27 -1.84 -9.55
CA PRO A 77 10.44 -2.70 -9.41
C PRO A 77 10.10 -4.19 -9.39
N VAL A 78 11.04 -5.00 -9.86
CA VAL A 78 11.00 -6.44 -9.64
C VAL A 78 12.33 -6.83 -9.01
N LEU A 79 12.28 -7.52 -7.87
CA LEU A 79 13.52 -8.05 -7.30
C LEU A 79 13.60 -9.52 -7.68
N GLU A 80 14.55 -9.84 -8.56
CA GLU A 80 14.77 -11.23 -8.96
C GLU A 80 15.75 -11.88 -8.00
N VAL A 81 15.31 -12.98 -7.38
CA VAL A 81 16.14 -13.68 -6.41
C VAL A 81 16.54 -15.02 -6.99
N GLU A 82 17.84 -15.23 -7.11
CA GLU A 82 18.38 -16.42 -7.75
C GLU A 82 19.14 -17.27 -6.74
N GLU A 83 18.96 -18.59 -6.82
CA GLU A 83 19.65 -19.51 -5.93
C GLU A 83 19.97 -20.83 -6.62
N ARG A 86 17.32 -21.72 -9.79
CA ARG A 86 15.92 -21.41 -9.58
C ARG A 86 15.72 -19.90 -9.38
N THR A 87 14.54 -19.40 -9.77
CA THR A 87 14.30 -17.96 -9.77
C THR A 87 12.96 -17.57 -9.15
N HIS A 88 12.99 -16.60 -8.23
CA HIS A 88 11.78 -16.01 -7.71
C HIS A 88 11.74 -14.55 -8.14
N LEU A 89 10.59 -14.11 -8.63
CA LEU A 89 10.43 -12.72 -9.02
C LEU A 89 9.50 -12.07 -8.00
N LEU A 90 10.06 -11.16 -7.21
CA LEU A 90 9.27 -10.49 -6.17
C LEU A 90 8.79 -9.15 -6.69
N VAL A 91 7.51 -8.88 -6.50
CA VAL A 91 6.89 -7.63 -6.97
C VAL A 91 6.18 -6.90 -5.85
N GLN A 92 5.85 -5.63 -6.09
CA GLN A 92 5.22 -4.70 -5.13
C GLN A 92 6.20 -4.27 -4.07
N SER A 93 6.50 -2.98 -4.03
CA SER A 93 7.53 -2.47 -3.13
C SER A 93 7.38 -2.92 -1.67
N MET A 94 6.16 -2.90 -1.13
CA MET A 94 5.99 -3.24 0.27
C MET A 94 6.22 -4.72 0.50
N ALA A 95 5.77 -5.56 -0.43
CA ALA A 95 5.99 -7.00 -0.31
C ALA A 95 7.48 -7.33 -0.41
N ILE A 96 8.18 -6.65 -1.31
CA ILE A 96 9.63 -6.84 -1.47
C ILE A 96 10.35 -6.42 -0.21
N LEU A 97 10.02 -5.25 0.33
CA LEU A 97 10.66 -4.77 1.55
C LEU A 97 10.38 -5.65 2.76
N GLU A 98 9.16 -6.17 2.86
CA GLU A 98 8.83 -7.09 3.96
C GLU A 98 9.61 -8.38 3.83
N TRP A 99 9.83 -8.83 2.59
CA TRP A 99 10.68 -10.00 2.35
C TRP A 99 12.11 -9.75 2.77
N LEU A 100 12.66 -8.62 2.36
CA LEU A 100 14.02 -8.26 2.76
C LEU A 100 14.16 -8.24 4.28
N GLU A 101 13.13 -7.75 4.97
CA GLU A 101 13.16 -7.65 6.41
C GLU A 101 13.11 -9.03 7.08
N GLU A 102 12.35 -9.96 6.50
CA GLU A 102 12.27 -11.33 7.02
C GLU A 102 13.54 -12.13 6.71
N ARG A 103 14.04 -11.97 5.50
CA ARG A 103 15.18 -12.76 5.06
C ARG A 103 16.48 -12.26 5.69
N HIS A 104 16.60 -10.94 5.81
CA HIS A 104 17.81 -10.32 6.34
C HIS A 104 17.43 -9.37 7.47
N PRO A 105 17.22 -9.92 8.67
CA PRO A 105 16.60 -9.14 9.75
C PRO A 105 17.47 -8.02 10.32
N GLU A 106 18.78 -8.08 10.14
CA GLU A 106 19.68 -7.06 10.69
C GLU A 106 20.44 -6.37 9.56
N PRO A 107 20.51 -5.03 9.59
CA PRO A 107 19.87 -4.15 10.58
C PRO A 107 18.38 -4.02 10.30
N ALA A 108 17.60 -3.88 11.35
CA ALA A 108 16.15 -3.96 11.24
C ALA A 108 15.55 -2.67 10.70
N LEU A 109 14.67 -2.78 9.72
CA LEU A 109 13.93 -1.62 9.24
C LEU A 109 12.50 -1.59 9.80
N LEU A 110 12.16 -2.60 10.59
CA LEU A 110 10.95 -2.57 11.42
C LEU A 110 11.39 -2.81 12.86
N PRO A 111 10.80 -2.08 13.82
CA PRO A 111 11.16 -2.32 15.22
C PRO A 111 10.60 -3.64 15.73
N PRO A 112 11.06 -4.10 16.91
CA PRO A 112 10.61 -5.38 17.43
C PRO A 112 9.28 -5.33 18.17
N ASP A 113 8.87 -4.14 18.58
CA ASP A 113 7.60 -4.02 19.30
C ASP A 113 6.43 -3.85 18.33
N LEU A 114 5.30 -4.46 18.66
CA LEU A 114 4.21 -4.55 17.68
C LEU A 114 3.56 -3.21 17.39
N TRP A 115 3.49 -2.33 18.38
CA TRP A 115 2.90 -1.01 18.16
C TRP A 115 3.75 -0.21 17.18
N GLY A 116 5.08 -0.25 17.37
CA GLY A 116 5.99 0.46 16.49
C GLY A 116 5.94 -0.07 15.09
N ARG A 117 5.78 -1.39 14.95
CA ARG A 117 5.65 -1.97 13.61
C ARG A 117 4.40 -1.46 12.89
N ALA A 118 3.29 -1.39 13.62
CA ALA A 118 2.06 -0.88 13.05
C ALA A 118 2.18 0.58 12.67
N ARG A 119 2.86 1.39 13.49
N ARG A 119 2.85 1.36 13.53
CA ARG A 119 3.07 2.80 13.16
CA ARG A 119 3.10 2.77 13.26
C ARG A 119 3.92 2.94 11.90
C ARG A 119 3.94 2.96 11.99
N VAL A 120 5.02 2.19 11.84
CA VAL A 120 5.91 2.28 10.68
C VAL A 120 5.20 1.85 9.40
N ARG A 121 4.47 0.74 9.48
CA ARG A 121 3.73 0.29 8.32
C ARG A 121 2.68 1.31 7.90
N ALA A 122 2.04 1.96 8.86
CA ALA A 122 1.05 2.98 8.51
C ALA A 122 1.67 4.15 7.78
N LEU A 123 2.83 4.61 8.26
CA LEU A 123 3.54 5.71 7.60
C LEU A 123 3.90 5.31 6.17
N ALA A 124 4.37 4.08 6.00
CA ALA A 124 4.70 3.57 4.68
C ALA A 124 3.47 3.54 3.78
N GLU A 125 2.37 3.04 4.32
CA GLU A 125 1.15 2.90 3.51
C GLU A 125 0.50 4.24 3.16
N HIS A 126 0.66 5.26 4.01
CA HIS A 126 0.21 6.60 3.65
C HIS A 126 0.81 7.02 2.31
N VAL A 127 2.05 6.63 2.06
CA VAL A 127 2.66 6.89 0.77
C VAL A 127 2.28 5.85 -0.28
N ASN A 128 2.49 4.58 0.06
CA ASN A 128 2.30 3.45 -0.84
C ASN A 128 0.92 3.41 -1.45
N SER A 129 -0.09 3.60 -0.62
N SER A 129 -0.09 3.61 -0.60
CA SER A 129 -1.47 3.52 -1.10
CA SER A 129 -1.47 3.50 -1.04
C SER A 129 -2.20 4.86 -1.06
C SER A 129 -2.19 4.85 -1.06
N GLY A 130 -1.73 5.79 -0.25
CA GLY A 130 -2.45 7.04 -0.04
C GLY A 130 -1.98 8.27 -0.80
N THR A 131 -0.81 8.17 -1.42
CA THR A 131 -0.21 9.33 -2.07
C THR A 131 0.31 9.00 -3.48
N GLN A 132 1.25 8.07 -3.57
CA GLN A 132 1.89 7.74 -4.84
C GLN A 132 0.91 7.31 -5.95
N PRO A 133 -0.12 6.49 -5.63
CA PRO A 133 -0.99 6.07 -6.73
C PRO A 133 -1.66 7.24 -7.44
N MET A 134 -1.89 8.34 -6.73
CA MET A 134 -2.59 9.47 -7.34
C MET A 134 -1.68 10.27 -8.24
N GLN A 135 -0.39 9.95 -8.24
CA GLN A 135 0.54 10.62 -9.15
C GLN A 135 1.35 9.65 -9.99
N ASN A 136 0.85 8.43 -10.18
CA ASN A 136 1.60 7.51 -11.04
C ASN A 136 1.47 7.88 -12.51
N ALA A 137 2.35 7.35 -13.34
CA ALA A 137 2.49 7.81 -14.73
C ALA A 137 1.22 7.70 -15.55
N LEU A 138 0.55 6.55 -15.49
CA LEU A 138 -0.67 6.34 -16.26
C LEU A 138 -1.79 7.29 -15.83
N VAL A 139 -1.92 7.49 -14.52
CA VAL A 139 -2.91 8.41 -13.97
C VAL A 139 -2.69 9.81 -14.51
N LEU A 140 -1.46 10.31 -14.39
CA LEU A 140 -1.13 11.64 -14.87
C LEU A 140 -1.39 11.78 -16.36
N ARG A 141 -1.03 10.75 -17.14
CA ARG A 141 -1.21 10.80 -18.58
C ARG A 141 -2.67 10.94 -18.96
N MET A 142 -3.52 10.14 -18.32
CA MET A 142 -4.95 10.17 -18.64
C MET A 142 -5.59 11.49 -18.23
N LEU A 143 -5.08 12.08 -17.15
CA LEU A 143 -5.55 13.40 -16.72
C LEU A 143 -5.23 14.49 -17.75
N ARG A 144 -3.99 14.55 -18.20
CA ARG A 144 -3.61 15.62 -19.13
C ARG A 144 -4.09 15.34 -20.55
N GLU A 145 -4.44 14.08 -20.83
CA GLU A 145 -5.08 13.75 -22.11
C GLU A 145 -6.49 14.32 -22.18
N LYS A 146 -7.23 14.28 -21.07
CA LYS A 146 -8.57 14.85 -21.07
C LYS A 146 -8.57 16.34 -20.77
N VAL A 147 -7.67 16.78 -19.89
CA VAL A 147 -7.51 18.21 -19.58
C VAL A 147 -6.04 18.62 -19.52
N PRO A 148 -5.57 19.41 -20.49
CA PRO A 148 -4.16 19.80 -20.51
C PRO A 148 -3.72 20.63 -19.30
N GLY A 149 -2.56 20.29 -18.75
CA GLY A 149 -2.01 21.00 -17.61
C GLY A 149 -2.46 20.47 -16.26
N TRP A 150 -3.62 19.82 -16.24
CA TRP A 150 -4.27 19.49 -14.98
C TRP A 150 -3.59 18.39 -14.17
N ASP A 151 -2.81 17.55 -14.85
CA ASP A 151 -2.11 16.47 -14.14
C ASP A 151 -1.17 16.98 -13.06
N ARG A 152 -0.52 18.11 -13.31
CA ARG A 152 0.42 18.65 -12.32
C ARG A 152 -0.29 19.33 -11.14
N GLU A 153 -1.43 19.96 -11.39
CA GLU A 153 -2.23 20.54 -10.32
C GLU A 153 -2.77 19.43 -9.42
N TRP A 154 -3.24 18.36 -10.06
CA TRP A 154 -3.76 17.17 -9.39
C TRP A 154 -2.68 16.54 -8.53
N ALA A 155 -1.50 16.34 -9.11
CA ALA A 155 -0.39 15.75 -8.37
C ALA A 155 -0.06 16.60 -7.15
N ARG A 156 0.03 17.92 -7.32
CA ARG A 156 0.31 18.79 -6.18
C ARG A 156 -0.77 18.68 -5.11
N PHE A 157 -2.03 18.56 -5.52
CA PHE A 157 -3.11 18.47 -4.56
C PHE A 157 -3.00 17.20 -3.72
N PHE A 158 -2.83 16.07 -4.39
CA PHE A 158 -2.83 14.79 -3.68
C PHE A 158 -1.53 14.54 -2.91
N ILE A 159 -0.41 14.99 -3.45
CA ILE A 159 0.84 14.90 -2.71
C ILE A 159 0.80 15.76 -1.44
N ALA A 160 0.32 17.00 -1.55
CA ALA A 160 0.21 17.88 -0.40
C ALA A 160 -0.68 17.26 0.67
N ARG A 161 -1.82 16.72 0.22
CA ARG A 161 -2.75 16.03 1.11
C ARG A 161 -2.05 14.90 1.87
N GLY A 162 -1.29 14.09 1.14
CA GLY A 162 -0.54 13.00 1.74
C GLY A 162 0.55 13.46 2.70
N LEU A 163 1.31 14.49 2.32
CA LEU A 163 2.40 14.97 3.16
C LEU A 163 1.91 15.63 4.45
N ALA A 164 0.76 16.29 4.37
CA ALA A 164 0.16 16.92 5.54
C ALA A 164 -0.17 15.87 6.59
N ALA A 165 -0.76 14.76 6.15
CA ALA A 165 -1.06 13.64 7.04
C ALA A 165 0.21 13.04 7.62
N LEU A 166 1.22 12.87 6.77
CA LEU A 166 2.50 12.33 7.21
C LEU A 166 3.16 13.23 8.24
N GLU A 167 3.20 14.51 7.96
CA GLU A 167 3.82 15.49 8.86
C GLU A 167 3.28 15.37 10.28
N THR A 168 1.97 15.16 10.38
CA THR A 168 1.32 15.05 11.69
C THR A 168 1.53 13.68 12.31
N ALA A 169 1.44 12.63 11.50
CA ALA A 169 1.64 11.26 11.97
C ALA A 169 3.09 11.01 12.34
N VAL A 170 4.01 11.62 11.59
CA VAL A 170 5.44 11.49 11.88
C VAL A 170 5.81 12.27 13.13
N ARG A 171 5.28 13.49 13.25
CA ARG A 171 5.59 14.37 14.38
C ARG A 171 5.36 13.72 15.75
N ASP A 172 4.39 12.82 15.84
CA ASP A 172 4.20 12.02 17.05
C ASP A 172 4.94 10.69 16.94
N GLY A 173 6.22 10.68 17.28
CA GLY A 173 6.97 9.43 17.31
C GLY A 173 8.29 9.49 16.58
N ALA A 174 8.49 10.56 15.81
CA ALA A 174 9.77 10.77 15.14
C ALA A 174 10.82 11.24 16.14
N GLY A 175 12.02 10.69 16.01
CA GLY A 175 13.20 11.27 16.62
C GLY A 175 13.87 12.03 15.50
N ARG A 176 15.08 11.63 15.16
CA ARG A 176 15.79 12.20 14.02
C ARG A 176 15.17 11.70 12.70
N PHE A 177 14.49 10.55 12.75
CA PHE A 177 13.92 9.93 11.54
C PHE A 177 12.41 9.77 11.69
N SER A 178 11.76 9.14 10.72
CA SER A 178 10.30 9.01 10.75
C SER A 178 9.82 8.28 12.01
N HIS A 179 10.56 7.27 12.42
CA HIS A 179 10.23 6.52 13.63
C HIS A 179 11.49 6.34 14.45
N GLY A 180 11.55 7.06 15.57
CA GLY A 180 12.71 6.98 16.43
C GLY A 180 13.96 7.58 15.82
N ASP A 181 15.11 7.03 16.18
CA ASP A 181 16.39 7.66 15.89
C ASP A 181 17.23 6.89 14.88
N ALA A 182 16.59 5.98 14.14
CA ALA A 182 17.27 5.25 13.08
C ALA A 182 16.33 5.04 11.90
N PRO A 183 16.90 4.85 10.70
CA PRO A 183 16.04 4.64 9.53
C PRO A 183 15.16 3.40 9.65
N THR A 184 13.94 3.52 9.12
CA THR A 184 13.02 2.39 9.04
C THR A 184 12.37 2.37 7.67
N LEU A 185 11.48 1.40 7.46
CA LEU A 185 10.73 1.35 6.21
C LEU A 185 9.99 2.66 5.93
N ALA A 186 9.59 3.38 6.97
CA ALA A 186 8.88 4.64 6.77
C ALA A 186 9.71 5.66 5.99
N ASP A 187 11.02 5.72 6.27
CA ASP A 187 11.89 6.64 5.57
C ASP A 187 12.09 6.21 4.12
N CYS A 188 12.03 4.92 3.87
CA CYS A 188 12.17 4.39 2.51
C CYS A 188 11.05 4.87 1.60
N TYR A 189 9.89 5.15 2.19
CA TYR A 189 8.73 5.69 1.47
C TYR A 189 8.71 7.22 1.45
N LEU A 190 9.07 7.84 2.56
CA LEU A 190 9.07 9.31 2.67
C LEU A 190 10.02 9.98 1.67
N VAL A 191 11.26 9.50 1.61
CA VAL A 191 12.29 10.19 0.85
C VAL A 191 11.97 10.29 -0.65
N PRO A 192 11.58 9.19 -1.29
CA PRO A 192 11.25 9.33 -2.71
C PRO A 192 10.00 10.19 -2.95
N GLN A 193 9.07 10.20 -1.99
CA GLN A 193 7.86 10.97 -2.17
C GLN A 193 8.15 12.47 -2.10
N LEU A 194 9.08 12.86 -1.23
CA LEU A 194 9.47 14.27 -1.14
C LEU A 194 10.18 14.72 -2.41
N TYR A 195 10.99 13.84 -3.00
CA TYR A 195 11.61 14.14 -4.28
C TYR A 195 10.53 14.39 -5.35
N ASN A 196 9.48 13.58 -5.35
CA ASN A 196 8.41 13.79 -6.32
C ASN A 196 7.64 15.09 -6.06
N ALA A 197 7.45 15.43 -4.78
CA ALA A 197 6.83 16.69 -4.39
C ALA A 197 7.61 17.85 -5.01
N ARG A 198 8.93 17.81 -4.90
CA ARG A 198 9.77 18.88 -5.45
C ARG A 198 9.65 18.92 -6.98
N ARG A 199 9.68 17.75 -7.61
CA ARG A 199 9.54 17.63 -9.05
C ARG A 199 8.30 18.40 -9.54
N PHE A 200 7.22 18.29 -8.78
CA PHE A 200 5.94 18.88 -9.16
C PHE A 200 5.79 20.33 -8.66
N GLY A 201 6.86 20.87 -8.09
CA GLY A 201 6.88 22.24 -7.64
C GLY A 201 6.02 22.50 -6.41
N LEU A 202 5.80 21.47 -5.60
CA LEU A 202 5.04 21.65 -4.38
C LEU A 202 5.91 22.31 -3.31
N ASP A 203 5.39 23.35 -2.68
CA ASP A 203 6.13 24.01 -1.60
C ASP A 203 6.14 23.14 -0.34
N LEU A 204 7.34 22.89 0.18
CA LEU A 204 7.53 21.97 1.29
C LEU A 204 7.63 22.66 2.65
N GLU A 205 7.51 23.99 2.65
CA GLU A 205 7.53 24.75 3.91
C GLU A 205 6.53 24.26 4.98
N PRO A 206 5.30 23.86 4.59
CA PRO A 206 4.36 23.40 5.61
C PRO A 206 4.71 22.07 6.28
N TYR A 207 5.78 21.41 5.85
CA TYR A 207 6.16 20.10 6.40
C TYR A 207 7.54 20.11 7.05
N PRO A 208 7.71 20.90 8.12
CA PRO A 208 9.06 21.06 8.67
C PRO A 208 9.65 19.78 9.27
N THR A 209 8.82 18.92 9.87
CA THR A 209 9.33 17.67 10.42
C THR A 209 9.82 16.76 9.28
N LEU A 210 9.04 16.69 8.21
CA LEU A 210 9.42 15.86 7.06
C LEU A 210 10.72 16.36 6.42
N ARG A 211 10.90 17.68 6.35
CA ARG A 211 12.10 18.27 5.79
C ARG A 211 13.34 17.91 6.61
N ARG A 212 13.20 17.98 7.93
CA ARG A 212 14.29 17.62 8.83
C ARG A 212 14.66 16.14 8.69
N VAL A 213 13.65 15.27 8.60
CA VAL A 213 13.91 13.85 8.41
C VAL A 213 14.61 13.59 7.07
N ASP A 214 14.12 14.25 6.02
CA ASP A 214 14.74 14.17 4.71
C ASP A 214 16.22 14.57 4.77
N GLU A 215 16.51 15.63 5.52
CA GLU A 215 17.89 16.10 5.65
C GLU A 215 18.76 15.09 6.38
N ALA A 216 18.21 14.48 7.44
CA ALA A 216 18.92 13.46 8.19
C ALA A 216 19.23 12.25 7.33
N CYS A 217 18.26 11.86 6.49
CA CYS A 217 18.46 10.70 5.63
C CYS A 217 19.51 11.00 4.55
N ALA A 218 19.45 12.21 4.00
CA ALA A 218 20.30 12.56 2.86
C ALA A 218 21.79 12.52 3.20
N ALA A 219 22.12 12.68 4.48
CA ALA A 219 23.52 12.68 4.89
C ALA A 219 24.08 11.27 5.04
N LEU A 220 23.23 10.26 4.89
CA LEU A 220 23.65 8.87 5.05
C LEU A 220 24.07 8.24 3.73
N ALA A 221 25.19 7.53 3.75
CA ALA A 221 25.68 6.84 2.56
C ALA A 221 24.66 5.94 1.82
N PRO A 222 23.88 5.11 2.54
CA PRO A 222 22.91 4.28 1.83
C PRO A 222 21.85 5.10 1.06
N PHE A 223 21.42 6.23 1.62
CA PHE A 223 20.50 7.10 0.90
C PHE A 223 21.15 7.73 -0.33
N GLN A 224 22.39 8.20 -0.16
CA GLN A 224 23.11 8.75 -1.30
C GLN A 224 23.27 7.72 -2.42
N ALA A 225 23.54 6.47 -2.07
CA ALA A 225 23.71 5.41 -3.05
C ALA A 225 22.43 5.10 -3.83
N ALA A 226 21.27 5.28 -3.20
CA ALA A 226 20.01 4.85 -3.81
C ALA A 226 19.30 5.95 -4.60
N HIS A 227 19.80 7.17 -4.48
CA HIS A 227 19.23 8.33 -5.15
C HIS A 227 19.22 8.16 -6.67
N PRO A 228 18.17 8.66 -7.34
CA PRO A 228 18.09 8.56 -8.80
C PRO A 228 19.36 9.01 -9.50
N ASP A 229 20.00 10.07 -9.02
CA ASP A 229 21.14 10.63 -9.75
C ASP A 229 22.34 9.72 -9.79
N ARG A 230 22.41 8.74 -8.88
CA ARG A 230 23.54 7.84 -8.84
C ARG A 230 23.28 6.51 -9.55
N GLN A 231 22.13 6.36 -10.18
CA GLN A 231 21.78 5.08 -10.79
C GLN A 231 22.43 4.96 -12.18
N PRO A 232 22.73 3.73 -12.61
CA PRO A 232 23.40 3.53 -13.91
C PRO A 232 22.67 4.17 -15.10
N ASP A 233 21.35 4.21 -15.07
CA ASP A 233 20.58 4.72 -16.20
C ASP A 233 20.19 6.20 -16.07
N ALA A 234 20.71 6.90 -15.06
CA ALA A 234 20.38 8.32 -14.91
C ALA A 234 20.95 9.17 -16.04
N PRO A 235 20.10 9.96 -16.69
CA PRO A 235 20.56 10.91 -17.68
C PRO A 235 21.14 12.15 -17.02
N PRO A 236 21.97 12.91 -17.73
CA PRO A 236 22.44 14.20 -17.20
C PRO A 236 21.24 15.13 -17.01
N PRO A 237 21.39 16.14 -16.13
CA PRO A 237 20.31 17.08 -15.85
C PRO A 237 19.66 17.68 -17.10
N ASP A 238 20.44 17.95 -18.14
CA ASP A 238 19.91 18.60 -19.34
C ASP A 238 19.18 17.67 -20.32
N ARG A 239 19.03 16.41 -19.92
CA ARG A 239 18.25 15.45 -20.71
C ARG A 239 17.17 14.80 -19.85
N ARG A 240 16.70 15.54 -18.85
CA ARG A 240 15.63 15.07 -17.97
C ARG A 240 14.35 15.86 -18.22
N THR A 241 13.22 15.17 -18.18
CA THR A 241 11.93 15.83 -18.27
C THR A 241 11.58 16.43 -16.92
N PRO A 242 10.58 17.32 -16.87
CA PRO A 242 10.03 17.65 -15.56
C PRO A 242 9.19 16.49 -15.07
N PHE B 20 -4.23 -4.46 36.03
CA PHE B 20 -4.16 -5.22 34.79
C PHE B 20 -5.39 -4.97 33.92
N GLN B 21 -5.16 -4.56 32.67
CA GLN B 21 -6.25 -4.26 31.75
C GLN B 21 -6.06 -5.04 30.45
N SER B 22 -6.77 -6.15 30.32
CA SER B 22 -6.60 -7.01 29.15
C SER B 22 -7.12 -6.33 27.89
N MET B 23 -6.55 -6.70 26.76
CA MET B 23 -6.75 -5.99 25.50
C MET B 23 -8.20 -5.92 25.03
N THR B 24 -8.63 -4.73 24.62
CA THR B 24 -9.94 -4.53 24.04
C THR B 24 -9.82 -3.91 22.65
N LEU B 25 -10.78 -4.25 21.79
CA LEU B 25 -10.80 -3.81 20.41
C LEU B 25 -12.08 -3.05 20.08
N ARG B 26 -11.92 -1.93 19.39
CA ARG B 26 -13.04 -1.15 18.89
C ARG B 26 -12.71 -0.75 17.46
N LEU B 27 -13.63 -0.99 16.53
CA LEU B 27 -13.42 -0.65 15.13
C LEU B 27 -14.35 0.48 14.70
N TYR B 28 -13.77 1.60 14.28
CA TYR B 28 -14.53 2.66 13.60
C TYR B 28 -14.70 2.25 12.14
N SER B 29 -15.96 2.10 11.73
CA SER B 29 -16.25 1.46 10.45
C SER B 29 -17.43 2.15 9.78
N TYR B 30 -17.53 1.96 8.46
CA TYR B 30 -18.73 2.32 7.69
C TYR B 30 -19.11 1.04 6.95
N TRP B 31 -20.41 0.74 6.89
CA TRP B 31 -20.85 -0.54 6.36
C TRP B 31 -20.29 -0.84 4.97
N ARG B 32 -20.29 0.15 4.10
CA ARG B 32 -19.91 -0.07 2.69
C ARG B 32 -18.45 0.27 2.35
N SER B 33 -17.66 0.65 3.35
CA SER B 33 -16.27 0.98 3.11
C SER B 33 -15.46 -0.28 2.82
N SER B 34 -14.82 -0.35 1.65
CA SER B 34 -14.03 -1.54 1.36
C SER B 34 -12.83 -1.64 2.30
N SER B 35 -12.22 -0.51 2.64
N SER B 35 -12.22 -0.50 2.62
CA SER B 35 -11.07 -0.53 3.54
CA SER B 35 -11.08 -0.50 3.53
C SER B 35 -11.46 -1.04 4.92
C SER B 35 -11.47 -1.05 4.90
N ALA B 36 -12.63 -0.64 5.42
CA ALA B 36 -13.10 -1.12 6.70
C ALA B 36 -13.44 -2.61 6.62
N TRP B 37 -14.07 -3.00 5.51
CA TRP B 37 -14.44 -4.39 5.30
C TRP B 37 -13.24 -5.32 5.35
N ARG B 38 -12.10 -4.90 4.78
CA ARG B 38 -10.88 -5.73 4.87
C ARG B 38 -10.54 -6.04 6.31
N VAL B 39 -10.61 -5.02 7.16
CA VAL B 39 -10.28 -5.21 8.57
C VAL B 39 -11.33 -6.06 9.30
N ARG B 40 -12.61 -5.85 8.98
CA ARG B 40 -13.66 -6.71 9.52
C ARG B 40 -13.41 -8.16 9.17
N LEU B 41 -12.87 -8.42 7.97
CA LEU B 41 -12.57 -9.79 7.57
C LEU B 41 -11.43 -10.37 8.41
N GLY B 42 -10.36 -9.59 8.59
CA GLY B 42 -9.27 -10.06 9.45
C GLY B 42 -9.74 -10.38 10.85
N LEU B 43 -10.57 -9.50 11.43
CA LEU B 43 -11.10 -9.71 12.77
C LEU B 43 -11.96 -10.96 12.84
N ALA B 44 -12.86 -11.11 11.88
CA ALA B 44 -13.74 -12.27 11.85
C ALA B 44 -12.99 -13.58 11.64
N LEU B 45 -12.04 -13.59 10.71
CA LEU B 45 -11.28 -14.80 10.44
C LEU B 45 -10.43 -15.23 11.65
N LYS B 46 -10.02 -14.26 12.45
CA LYS B 46 -9.24 -14.50 13.67
C LYS B 46 -10.12 -14.83 14.88
N GLY B 47 -11.43 -14.73 14.74
CA GLY B 47 -12.35 -15.02 15.84
C GLY B 47 -12.32 -13.94 16.91
N LEU B 48 -11.98 -12.73 16.52
CA LEU B 48 -11.84 -11.64 17.48
C LEU B 48 -13.11 -10.80 17.60
N ALA B 49 -13.61 -10.64 18.82
CA ALA B 49 -14.74 -9.78 19.05
C ALA B 49 -14.27 -8.33 19.09
N TYR B 50 -15.14 -7.42 18.70
CA TYR B 50 -14.80 -6.00 18.74
C TYR B 50 -16.06 -5.17 18.84
N GLU B 51 -15.93 -3.97 19.42
CA GLU B 51 -17.03 -3.01 19.42
C GLU B 51 -17.11 -2.33 18.07
N TYR B 52 -18.29 -2.32 17.47
CA TYR B 52 -18.49 -1.64 16.20
C TYR B 52 -18.89 -0.20 16.47
N ARG B 53 -18.14 0.74 15.92
CA ARG B 53 -18.50 2.16 16.03
C ARG B 53 -18.71 2.73 14.65
N ALA B 54 -19.97 3.05 14.35
CA ALA B 54 -20.34 3.56 13.03
C ALA B 54 -19.90 4.99 12.81
N VAL B 55 -19.41 5.27 11.60
CA VAL B 55 -19.06 6.61 11.19
C VAL B 55 -20.00 7.03 10.07
N ASP B 56 -20.54 8.25 10.16
CA ASP B 56 -21.45 8.80 9.16
C ASP B 56 -20.63 9.29 7.96
N LEU B 57 -20.21 8.34 7.13
CA LEU B 57 -19.27 8.63 6.05
C LEU B 57 -19.87 9.50 4.95
N LEU B 58 -21.17 9.36 4.71
CA LEU B 58 -21.78 10.19 3.69
C LEU B 58 -21.81 11.66 4.10
N ALA B 59 -22.07 11.93 5.37
CA ALA B 59 -22.00 13.31 5.86
C ALA B 59 -20.57 13.81 5.84
N GLN B 60 -19.64 12.95 6.22
CA GLN B 60 -18.23 13.31 6.26
C GLN B 60 -17.75 13.66 4.86
N GLU B 61 -18.11 12.83 3.89
CA GLU B 61 -17.67 13.08 2.52
C GLU B 61 -18.26 14.35 1.93
N GLN B 62 -19.49 14.69 2.31
CA GLN B 62 -20.10 15.94 1.85
C GLN B 62 -19.30 17.14 2.39
N PHE B 63 -18.97 17.08 3.67
CA PHE B 63 -18.17 18.13 4.27
C PHE B 63 -16.79 18.21 3.62
N GLN B 64 -16.13 17.06 3.46
CA GLN B 64 -14.80 17.01 2.85
C GLN B 64 -14.83 17.59 1.44
N ALA B 65 -15.89 17.28 0.70
CA ALA B 65 -16.07 17.79 -0.65
C ALA B 65 -16.01 19.31 -0.69
N ALA B 66 -16.76 19.93 0.22
CA ALA B 66 -16.92 21.38 0.27
C ALA B 66 -15.71 22.09 0.88
N HIS B 67 -14.78 21.33 1.43
CA HIS B 67 -13.62 21.89 2.09
C HIS B 67 -12.30 21.25 1.68
N GLN B 68 -12.12 21.12 0.37
CA GLN B 68 -10.83 20.77 -0.22
C GLN B 68 -10.27 19.43 0.25
N GLN B 75 -10.27 9.10 8.94
CA GLN B 75 -11.19 8.24 8.21
C GLN B 75 -11.11 6.79 8.66
N VAL B 76 -12.04 5.99 8.15
CA VAL B 76 -12.16 4.58 8.48
C VAL B 76 -11.30 3.73 7.55
N PRO B 77 -10.80 2.60 8.03
CA PRO B 77 -11.00 2.08 9.39
C PRO B 77 -10.00 2.66 10.37
N VAL B 78 -10.41 2.79 11.63
CA VAL B 78 -9.48 3.01 12.72
C VAL B 78 -9.74 1.89 13.70
N LEU B 79 -8.70 1.13 14.03
CA LEU B 79 -8.81 0.12 15.09
C LEU B 79 -8.26 0.66 16.38
N GLU B 80 -9.15 0.94 17.32
CA GLU B 80 -8.76 1.41 18.65
C GLU B 80 -8.50 0.22 19.56
N VAL B 81 -7.28 0.15 20.07
CA VAL B 81 -6.87 -0.95 20.92
C VAL B 81 -6.46 -0.39 22.29
N GLU B 82 -7.07 -0.89 23.36
CA GLU B 82 -6.64 -0.51 24.70
C GLU B 82 -6.03 -1.72 25.38
N GLU B 83 -4.89 -1.52 26.02
CA GLU B 83 -4.27 -2.57 26.83
C GLU B 83 -3.40 -1.95 27.90
N ASP B 84 -3.49 -2.46 29.13
CA ASP B 84 -2.66 -1.99 30.24
C ASP B 84 -2.79 -0.49 30.44
N GLY B 85 -4.00 0.03 30.24
CA GLY B 85 -4.29 1.43 30.48
C GLY B 85 -3.81 2.38 29.41
N ARG B 86 -3.28 1.84 28.31
CA ARG B 86 -2.82 2.67 27.20
C ARG B 86 -3.66 2.44 25.95
N THR B 87 -3.93 3.50 25.22
CA THR B 87 -4.76 3.43 24.01
C THR B 87 -3.91 3.60 22.75
N HIS B 88 -4.23 2.83 21.73
CA HIS B 88 -3.54 2.89 20.44
C HIS B 88 -4.58 3.01 19.35
N LEU B 89 -4.36 3.95 18.42
CA LEU B 89 -5.26 4.10 17.29
C LEU B 89 -4.54 3.64 16.04
N LEU B 90 -4.85 2.43 15.59
CA LEU B 90 -4.17 1.86 14.42
C LEU B 90 -4.91 2.22 13.13
N VAL B 91 -4.18 2.72 12.14
CA VAL B 91 -4.77 3.10 10.86
C VAL B 91 -4.05 2.41 9.71
N GLN B 92 -4.65 2.50 8.52
CA GLN B 92 -4.18 1.84 7.29
C GLN B 92 -4.47 0.34 7.32
N SER B 93 -5.40 -0.09 6.46
CA SER B 93 -5.85 -1.48 6.47
C SER B 93 -4.70 -2.50 6.49
N MET B 94 -3.68 -2.31 5.68
CA MET B 94 -2.60 -3.30 5.64
C MET B 94 -1.80 -3.31 6.94
N ALA B 95 -1.55 -2.13 7.52
CA ALA B 95 -0.84 -2.08 8.79
C ALA B 95 -1.65 -2.73 9.91
N ILE B 96 -2.96 -2.46 9.91
CA ILE B 96 -3.86 -3.07 10.89
C ILE B 96 -3.87 -4.59 10.73
N LEU B 97 -3.96 -5.08 9.51
CA LEU B 97 -4.02 -6.52 9.28
C LEU B 97 -2.71 -7.21 9.63
N GLU B 98 -1.58 -6.56 9.32
CA GLU B 98 -0.29 -7.11 9.73
C GLU B 98 -0.19 -7.15 11.25
N TRP B 99 -0.74 -6.16 11.94
CA TRP B 99 -0.73 -6.15 13.39
C TRP B 99 -1.57 -7.29 13.94
N LEU B 100 -2.77 -7.48 13.39
CA LEU B 100 -3.62 -8.60 13.81
C LEU B 100 -2.89 -9.93 13.63
N GLU B 101 -2.18 -10.08 12.53
CA GLU B 101 -1.45 -11.32 12.25
C GLU B 101 -0.32 -11.55 13.24
N GLU B 102 0.36 -10.48 13.64
CA GLU B 102 1.45 -10.58 14.62
C GLU B 102 0.95 -10.75 16.05
N ARG B 103 -0.12 -10.03 16.40
N ARG B 103 -0.12 -10.05 16.40
CA ARG B 103 -0.62 -10.01 17.78
CA ARG B 103 -0.67 -10.07 17.76
C ARG B 103 -1.43 -11.25 18.10
C ARG B 103 -1.50 -11.32 18.03
N HIS B 104 -2.10 -11.80 17.09
N HIS B 104 -2.22 -11.79 17.01
CA HIS B 104 -2.98 -12.95 17.27
CA HIS B 104 -3.05 -12.99 17.15
C HIS B 104 -2.74 -13.94 16.13
C HIS B 104 -2.73 -13.97 16.05
N PRO B 105 -1.65 -14.72 16.22
CA PRO B 105 -1.13 -15.56 15.13
C PRO B 105 -2.07 -16.62 14.58
N GLU B 106 -2.94 -17.19 15.39
CA GLU B 106 -3.77 -18.28 14.88
C GLU B 106 -5.26 -17.94 14.95
N PRO B 107 -6.01 -18.24 13.88
CA PRO B 107 -5.50 -18.85 12.65
C PRO B 107 -4.71 -17.88 11.79
N ALA B 108 -3.72 -18.39 11.09
CA ALA B 108 -2.80 -17.56 10.32
C ALA B 108 -3.44 -17.07 9.04
N LEU B 109 -3.27 -15.77 8.77
CA LEU B 109 -3.67 -15.20 7.49
C LEU B 109 -2.49 -14.93 6.54
N LEU B 110 -1.27 -15.25 6.98
CA LEU B 110 -0.11 -15.30 6.10
C LEU B 110 0.48 -16.71 6.17
N PRO B 111 0.98 -17.23 5.04
CA PRO B 111 1.61 -18.54 5.06
C PRO B 111 2.91 -18.51 5.83
N PRO B 112 3.48 -19.69 6.12
CA PRO B 112 4.67 -19.70 6.97
C PRO B 112 5.97 -19.46 6.22
N ASP B 113 5.97 -19.62 4.89
CA ASP B 113 7.20 -19.55 4.12
C ASP B 113 7.42 -18.18 3.49
N LEU B 114 8.69 -17.77 3.33
CA LEU B 114 9.00 -16.42 2.85
C LEU B 114 8.41 -16.13 1.48
N TRP B 115 8.49 -17.11 0.57
CA TRP B 115 8.00 -16.87 -0.79
C TRP B 115 6.48 -16.64 -0.80
N GLY B 116 5.76 -17.48 -0.07
CA GLY B 116 4.31 -17.38 -0.02
C GLY B 116 3.88 -16.08 0.62
N ARG B 117 4.61 -15.64 1.63
CA ARG B 117 4.29 -14.37 2.30
C ARG B 117 4.44 -13.20 1.34
N ALA B 118 5.50 -13.21 0.54
CA ALA B 118 5.71 -12.15 -0.43
C ALA B 118 4.62 -12.17 -1.49
N ARG B 119 4.21 -13.36 -1.92
CA ARG B 119 3.14 -13.49 -2.90
C ARG B 119 1.82 -12.93 -2.35
N VAL B 120 1.47 -13.33 -1.14
CA VAL B 120 0.22 -12.88 -0.55
C VAL B 120 0.22 -11.38 -0.32
N ARG B 121 1.34 -10.84 0.15
CA ARG B 121 1.42 -9.39 0.32
C ARG B 121 1.31 -8.68 -1.02
N ALA B 122 1.91 -9.23 -2.06
CA ALA B 122 1.81 -8.61 -3.38
C ALA B 122 0.37 -8.60 -3.89
N LEU B 123 -0.35 -9.70 -3.71
CA LEU B 123 -1.77 -9.77 -4.12
C LEU B 123 -2.58 -8.73 -3.36
N ALA B 124 -2.34 -8.62 -2.07
CA ALA B 124 -3.02 -7.61 -1.26
C ALA B 124 -2.71 -6.20 -1.75
N GLU B 125 -1.44 -5.92 -2.01
CA GLU B 125 -1.05 -4.59 -2.47
C GLU B 125 -1.57 -4.25 -3.86
N HIS B 126 -1.76 -5.26 -4.72
CA HIS B 126 -2.39 -5.06 -6.04
C HIS B 126 -3.69 -4.28 -5.85
N VAL B 127 -4.44 -4.65 -4.82
CA VAL B 127 -5.69 -3.99 -4.48
C VAL B 127 -5.47 -2.72 -3.68
N ASN B 128 -4.71 -2.84 -2.61
CA ASN B 128 -4.51 -1.77 -1.64
C ASN B 128 -3.93 -0.51 -2.27
N SER B 129 -2.94 -0.70 -3.13
N SER B 129 -2.93 -0.70 -3.12
CA SER B 129 -2.23 0.42 -3.74
CA SER B 129 -2.24 0.44 -3.74
C SER B 129 -2.51 0.53 -5.24
C SER B 129 -2.48 0.52 -5.25
N GLY B 130 -2.87 -0.58 -5.86
CA GLY B 130 -2.96 -0.63 -7.31
C GLY B 130 -4.34 -0.55 -7.94
N THR B 131 -5.39 -0.64 -7.13
CA THR B 131 -6.75 -0.64 -7.64
C THR B 131 -7.65 0.33 -6.88
N GLN B 132 -7.82 0.11 -5.58
N GLN B 132 -7.80 0.10 -5.58
CA GLN B 132 -8.73 0.92 -4.78
CA GLN B 132 -8.69 0.90 -4.75
C GLN B 132 -8.49 2.44 -4.80
C GLN B 132 -8.48 2.42 -4.79
N PRO B 133 -7.22 2.89 -4.70
CA PRO B 133 -7.01 4.35 -4.68
C PRO B 133 -7.58 5.08 -5.87
N MET B 134 -7.62 4.42 -7.02
CA MET B 134 -8.11 5.07 -8.23
C MET B 134 -9.63 5.17 -8.28
N GLN B 135 -10.31 4.52 -7.33
CA GLN B 135 -11.75 4.68 -7.16
C GLN B 135 -12.14 5.22 -5.77
N ASN B 136 -11.16 5.87 -5.13
CA ASN B 136 -11.35 6.68 -3.92
C ASN B 136 -12.48 7.67 -4.11
N ALA B 137 -13.29 7.91 -3.08
CA ALA B 137 -14.41 8.85 -3.21
C ALA B 137 -13.92 10.26 -3.56
N LEU B 138 -12.84 10.69 -2.93
CA LEU B 138 -12.26 12.00 -3.22
C LEU B 138 -11.71 12.08 -4.66
N VAL B 139 -11.03 11.03 -5.10
CA VAL B 139 -10.52 10.98 -6.47
C VAL B 139 -11.68 11.12 -7.46
N LEU B 140 -12.74 10.33 -7.26
CA LEU B 140 -13.86 10.33 -8.18
C LEU B 140 -14.58 11.68 -8.13
N ARG B 141 -14.64 12.26 -6.94
CA ARG B 141 -15.26 13.58 -6.78
C ARG B 141 -14.52 14.67 -7.54
N MET B 142 -13.19 14.66 -7.44
CA MET B 142 -12.37 15.62 -8.16
C MET B 142 -12.60 15.49 -9.66
N LEU B 143 -12.62 14.24 -10.14
CA LEU B 143 -12.83 14.00 -11.57
C LEU B 143 -14.19 14.51 -12.01
N ARG B 144 -15.21 14.19 -11.22
CA ARG B 144 -16.59 14.57 -11.50
C ARG B 144 -16.82 16.09 -11.50
N GLU B 145 -16.12 16.80 -10.62
CA GLU B 145 -16.25 18.26 -10.56
C GLU B 145 -15.58 18.91 -11.75
N LYS B 146 -14.56 18.24 -12.28
CA LYS B 146 -13.80 18.75 -13.41
C LYS B 146 -14.53 18.44 -14.72
N VAL B 147 -14.96 17.19 -14.85
CA VAL B 147 -15.68 16.73 -16.04
C VAL B 147 -16.75 15.72 -15.62
N PRO B 148 -18.03 16.15 -15.54
CA PRO B 148 -19.10 15.23 -15.12
C PRO B 148 -19.14 13.90 -15.90
N GLY B 149 -19.33 12.81 -15.18
CA GLY B 149 -19.38 11.48 -15.80
C GLY B 149 -18.04 10.80 -15.99
N TRP B 150 -16.98 11.60 -16.01
CA TRP B 150 -15.62 11.08 -16.18
C TRP B 150 -15.29 10.10 -15.06
N ASP B 151 -15.87 10.34 -13.88
CA ASP B 151 -15.61 9.50 -12.72
C ASP B 151 -15.99 8.04 -12.95
N ARG B 152 -17.11 7.81 -13.61
CA ARG B 152 -17.55 6.44 -13.87
C ARG B 152 -16.65 5.71 -14.86
N GLU B 153 -16.31 6.38 -15.96
CA GLU B 153 -15.42 5.84 -16.97
C GLU B 153 -14.07 5.49 -16.34
N TRP B 154 -13.58 6.41 -15.53
CA TRP B 154 -12.28 6.27 -14.87
C TRP B 154 -12.28 5.08 -13.91
N ALA B 155 -13.26 5.02 -13.01
CA ALA B 155 -13.35 3.92 -12.06
C ALA B 155 -13.43 2.59 -12.79
N ARG B 156 -14.28 2.50 -13.80
CA ARG B 156 -14.42 1.25 -14.54
C ARG B 156 -13.10 0.85 -15.21
N PHE B 157 -12.40 1.82 -15.78
CA PHE B 157 -11.14 1.53 -16.43
C PHE B 157 -10.12 0.99 -15.43
N PHE B 158 -9.95 1.69 -14.32
CA PHE B 158 -8.92 1.31 -13.36
C PHE B 158 -9.28 0.06 -12.55
N ILE B 159 -10.54 -0.14 -12.25
CA ILE B 159 -10.91 -1.35 -11.54
C ILE B 159 -10.73 -2.56 -12.45
N ALA B 160 -11.16 -2.46 -13.71
CA ALA B 160 -10.98 -3.55 -14.66
C ALA B 160 -9.51 -3.85 -14.87
N ARG B 161 -8.69 -2.80 -15.00
CA ARG B 161 -7.25 -2.97 -15.16
C ARG B 161 -6.67 -3.73 -13.99
N GLY B 162 -7.04 -3.32 -12.78
CA GLY B 162 -6.53 -3.93 -11.58
C GLY B 162 -6.97 -5.39 -11.47
N LEU B 163 -8.23 -5.65 -11.79
CA LEU B 163 -8.71 -7.03 -11.71
C LEU B 163 -8.07 -7.94 -12.77
N ALA B 164 -7.81 -7.41 -13.96
CA ALA B 164 -7.19 -8.21 -15.01
C ALA B 164 -5.80 -8.67 -14.56
N ALA B 165 -5.05 -7.74 -13.98
CA ALA B 165 -3.71 -8.07 -13.49
C ALA B 165 -3.81 -9.00 -12.28
N LEU B 166 -4.80 -8.79 -11.42
CA LEU B 166 -4.96 -9.64 -10.25
C LEU B 166 -5.35 -11.07 -10.65
N GLU B 167 -6.19 -11.20 -11.68
CA GLU B 167 -6.63 -12.51 -12.14
C GLU B 167 -5.42 -13.35 -12.54
N THR B 168 -4.51 -12.76 -13.32
CA THR B 168 -3.31 -13.45 -13.75
C THR B 168 -2.45 -13.86 -12.56
N ALA B 169 -2.25 -12.94 -11.62
CA ALA B 169 -1.39 -13.22 -10.47
C ALA B 169 -2.02 -14.26 -9.54
N VAL B 170 -3.32 -14.15 -9.29
CA VAL B 170 -3.99 -15.10 -8.41
C VAL B 170 -4.00 -16.49 -9.02
N ARG B 171 -4.24 -16.57 -10.33
CA ARG B 171 -4.31 -17.87 -10.99
C ARG B 171 -3.03 -18.68 -10.79
N ASP B 172 -1.89 -17.98 -10.80
CA ASP B 172 -0.60 -18.63 -10.57
C ASP B 172 -0.36 -18.78 -9.07
N GLY B 173 -1.03 -19.75 -8.45
CA GLY B 173 -0.82 -20.03 -7.03
C GLY B 173 -2.09 -20.24 -6.22
N ALA B 174 -3.23 -19.92 -6.81
CA ALA B 174 -4.51 -20.17 -6.14
C ALA B 174 -4.76 -21.66 -5.99
N GLY B 175 -5.33 -22.02 -4.85
CA GLY B 175 -5.96 -23.32 -4.70
C GLY B 175 -7.44 -23.05 -4.61
N ARG B 176 -8.06 -23.43 -3.49
N ARG B 176 -8.06 -23.43 -3.49
CA ARG B 176 -9.45 -23.08 -3.24
CA ARG B 176 -9.45 -23.09 -3.23
C ARG B 176 -9.57 -21.58 -3.05
C ARG B 176 -9.57 -21.58 -3.04
N PHE B 177 -8.55 -20.98 -2.44
CA PHE B 177 -8.51 -19.53 -2.19
C PHE B 177 -7.38 -18.85 -2.97
N SER B 178 -7.14 -17.57 -2.73
CA SER B 178 -6.17 -16.81 -3.53
C SER B 178 -4.77 -17.38 -3.45
N HIS B 179 -4.44 -17.91 -2.27
CA HIS B 179 -3.17 -18.58 -2.07
C HIS B 179 -3.43 -19.92 -1.41
N GLY B 180 -3.27 -21.00 -2.17
CA GLY B 180 -3.50 -22.31 -1.61
C GLY B 180 -4.92 -22.56 -1.13
N ASP B 181 -5.05 -23.39 -0.11
CA ASP B 181 -6.34 -23.90 0.31
C ASP B 181 -6.91 -23.33 1.62
N ALA B 182 -6.33 -22.23 2.09
CA ALA B 182 -6.88 -21.53 3.24
C ALA B 182 -6.95 -20.03 2.96
N PRO B 183 -7.90 -19.34 3.60
CA PRO B 183 -7.97 -17.88 3.43
C PRO B 183 -6.71 -17.19 3.95
N THR B 184 -6.33 -16.10 3.27
CA THR B 184 -5.19 -15.29 3.65
C THR B 184 -5.54 -13.82 3.51
N LEU B 185 -4.60 -12.95 3.85
CA LEU B 185 -4.80 -11.53 3.65
C LEU B 185 -5.20 -11.19 2.21
N ALA B 186 -4.73 -11.99 1.25
CA ALA B 186 -5.08 -11.72 -0.14
C ALA B 186 -6.59 -11.75 -0.36
N ASP B 187 -7.27 -12.70 0.26
CA ASP B 187 -8.72 -12.80 0.10
C ASP B 187 -9.45 -11.66 0.76
N CYS B 188 -8.87 -11.14 1.84
CA CYS B 188 -9.45 -10.01 2.55
C CYS B 188 -9.47 -8.75 1.69
N TYR B 189 -8.53 -8.64 0.76
CA TYR B 189 -8.51 -7.54 -0.22
C TYR B 189 -9.37 -7.82 -1.44
N LEU B 190 -9.35 -9.07 -1.91
CA LEU B 190 -10.06 -9.44 -3.12
C LEU B 190 -11.57 -9.26 -2.99
N VAL B 191 -12.16 -9.80 -1.92
CA VAL B 191 -13.60 -9.85 -1.79
C VAL B 191 -14.27 -8.46 -1.83
N PRO B 192 -13.77 -7.50 -1.04
CA PRO B 192 -14.42 -6.18 -1.12
C PRO B 192 -14.18 -5.50 -2.46
N GLN B 193 -13.05 -5.77 -3.12
CA GLN B 193 -12.79 -5.12 -4.40
C GLN B 193 -13.76 -5.64 -5.46
N LEU B 194 -14.09 -6.93 -5.43
CA LEU B 194 -15.09 -7.45 -6.36
C LEU B 194 -16.47 -6.87 -6.14
N TYR B 195 -16.85 -6.66 -4.88
CA TYR B 195 -18.11 -5.99 -4.56
C TYR B 195 -18.14 -4.59 -5.18
N ASN B 196 -17.05 -3.85 -5.07
CA ASN B 196 -16.99 -2.52 -5.66
C ASN B 196 -17.11 -2.57 -7.19
N ALA B 197 -16.46 -3.57 -7.79
CA ALA B 197 -16.53 -3.77 -9.23
C ALA B 197 -17.97 -3.94 -9.68
N ARG B 198 -18.73 -4.72 -8.93
CA ARG B 198 -20.15 -4.96 -9.25
C ARG B 198 -20.93 -3.66 -9.13
N ARG B 199 -20.62 -2.87 -8.11
CA ARG B 199 -21.26 -1.58 -7.93
C ARG B 199 -21.07 -0.67 -9.15
N PHE B 200 -19.93 -0.80 -9.83
CA PHE B 200 -19.65 0.02 -11.00
C PHE B 200 -20.09 -0.66 -12.29
N GLY B 201 -20.80 -1.77 -12.15
CA GLY B 201 -21.39 -2.46 -13.30
C GLY B 201 -20.42 -3.21 -14.18
N LEU B 202 -19.26 -3.56 -13.63
CA LEU B 202 -18.25 -4.30 -14.40
C LEU B 202 -18.59 -5.77 -14.59
N ASP B 203 -18.39 -6.24 -15.81
CA ASP B 203 -18.51 -7.67 -16.11
C ASP B 203 -17.37 -8.40 -15.46
N LEU B 204 -17.70 -9.38 -14.61
CA LEU B 204 -16.66 -10.15 -13.93
C LEU B 204 -16.34 -11.45 -14.62
N GLU B 205 -17.01 -11.72 -15.75
CA GLU B 205 -16.69 -12.93 -16.50
C GLU B 205 -15.20 -13.12 -16.81
N PRO B 206 -14.48 -12.03 -17.17
CA PRO B 206 -13.06 -12.21 -17.51
C PRO B 206 -12.14 -12.58 -16.35
N TYR B 207 -12.68 -12.72 -15.15
CA TYR B 207 -11.84 -13.05 -13.99
C TYR B 207 -12.33 -14.34 -13.32
N PRO B 208 -12.25 -15.48 -14.03
CA PRO B 208 -12.84 -16.69 -13.49
C PRO B 208 -12.19 -17.16 -12.19
N THR B 209 -10.87 -17.04 -12.07
CA THR B 209 -10.22 -17.44 -10.82
C THR B 209 -10.71 -16.57 -9.66
N LEU B 210 -10.76 -15.27 -9.89
CA LEU B 210 -11.24 -14.37 -8.83
C LEU B 210 -12.67 -14.70 -8.43
N ARG B 211 -13.53 -15.02 -9.40
CA ARG B 211 -14.92 -15.35 -9.09
C ARG B 211 -15.03 -16.65 -8.28
N ARG B 212 -14.26 -17.66 -8.67
CA ARG B 212 -14.23 -18.93 -7.96
C ARG B 212 -13.77 -18.76 -6.50
N VAL B 213 -12.70 -17.99 -6.30
CA VAL B 213 -12.22 -17.71 -4.96
C VAL B 213 -13.26 -16.93 -4.15
N ASP B 214 -13.87 -15.92 -4.78
CA ASP B 214 -14.92 -15.12 -4.16
C ASP B 214 -16.07 -16.02 -3.67
N GLU B 215 -16.44 -17.00 -4.48
CA GLU B 215 -17.52 -17.92 -4.12
C GLU B 215 -17.12 -18.84 -2.97
N ALA B 216 -15.88 -19.28 -2.95
CA ALA B 216 -15.39 -20.09 -1.83
C ALA B 216 -15.40 -19.30 -0.51
N CYS B 217 -15.03 -18.03 -0.58
CA CYS B 217 -15.00 -17.18 0.60
C CYS B 217 -16.41 -16.92 1.11
N ALA B 218 -17.34 -16.71 0.18
CA ALA B 218 -18.70 -16.29 0.52
C ALA B 218 -19.41 -17.33 1.35
N ALA B 219 -19.00 -18.59 1.22
CA ALA B 219 -19.63 -19.69 1.94
C ALA B 219 -19.16 -19.78 3.39
N LEU B 220 -18.14 -19.01 3.74
CA LEU B 220 -17.58 -19.06 5.08
C LEU B 220 -18.27 -18.08 6.02
N ALA B 221 -18.58 -18.56 7.22
CA ALA B 221 -19.19 -17.71 8.24
C ALA B 221 -18.49 -16.36 8.53
N PRO B 222 -17.15 -16.33 8.64
CA PRO B 222 -16.51 -15.02 8.88
C PRO B 222 -16.70 -14.03 7.73
N PHE B 223 -16.70 -14.50 6.48
CA PHE B 223 -16.98 -13.61 5.37
C PHE B 223 -18.44 -13.11 5.40
N GLN B 224 -19.39 -13.98 5.72
CA GLN B 224 -20.77 -13.55 5.87
C GLN B 224 -20.91 -12.49 6.97
N ALA B 225 -20.22 -12.67 8.08
CA ALA B 225 -20.32 -11.74 9.19
C ALA B 225 -19.76 -10.36 8.87
N ALA B 226 -18.76 -10.31 7.99
CA ALA B 226 -18.06 -9.06 7.71
C ALA B 226 -18.68 -8.26 6.58
N HIS B 227 -19.60 -8.88 5.84
CA HIS B 227 -20.22 -8.26 4.68
C HIS B 227 -20.97 -6.98 5.06
N PRO B 228 -20.94 -5.96 4.19
CA PRO B 228 -21.66 -4.70 4.43
C PRO B 228 -23.09 -4.88 4.97
N ASP B 229 -23.85 -5.81 4.40
CA ASP B 229 -25.27 -5.92 4.76
C ASP B 229 -25.52 -6.39 6.19
N ARG B 230 -24.49 -6.97 6.82
CA ARG B 230 -24.60 -7.47 8.18
C ARG B 230 -24.17 -6.47 9.26
N GLN B 231 -23.71 -5.30 8.83
CA GLN B 231 -23.17 -4.33 9.78
C GLN B 231 -24.27 -3.50 10.42
N PRO B 232 -24.03 -3.03 11.66
CA PRO B 232 -25.07 -2.29 12.38
C PRO B 232 -25.56 -1.04 11.64
N ASP B 233 -24.70 -0.41 10.84
CA ASP B 233 -25.07 0.84 10.17
C ASP B 233 -25.59 0.63 8.74
N ALA B 234 -25.76 -0.63 8.34
CA ALA B 234 -26.36 -0.93 7.05
C ALA B 234 -27.79 -0.45 7.08
N PRO B 235 -28.17 0.39 6.10
CA PRO B 235 -29.52 0.96 6.10
C PRO B 235 -30.54 -0.01 5.52
S SO4 C . 6.63 7.79 -9.79
O1 SO4 C . 6.57 9.20 -10.15
O2 SO4 C . 6.01 7.60 -8.49
O3 SO4 C . 8.04 7.40 -9.76
O4 SO4 C . 5.96 7.00 -10.81
S SO4 D . -14.59 2.35 -1.28
O1 SO4 D . -14.15 3.49 -0.48
O2 SO4 D . -15.34 2.82 -2.43
O3 SO4 D . -13.43 1.56 -1.71
O4 SO4 D . -15.45 1.47 -0.49
#